data_7NMI
#
_entry.id   7NMI
#
_cell.length_a   65.920
_cell.length_b   86.770
_cell.length_c   113.420
_cell.angle_alpha   90.000
_cell.angle_beta   90.000
_cell.angle_gamma   90.000
#
_symmetry.space_group_name_H-M   'P 21 21 21'
#
loop_
_entity.id
_entity.type
_entity.pdbx_description
1 polymer 'Cellular tumor antigen p53'
2 polymer 'S100P-ANXA2 chimera'
3 non-polymer GLYCEROL
4 non-polymer 'CALCIUM ION'
5 water water
#
loop_
_entity_poly.entity_id
_entity_poly.type
_entity_poly.pdbx_seq_one_letter_code
_entity_poly.pdbx_strand_id
1 'polypeptide(L)' ETFSDLWKLLPENNVLSPLPSQAMDDLMLSPDDIEQWFTE A
2 'polypeptide(L)'
;HMTELETAMGMIIDVFSRYSGSEGSTQTLTKGELKVLMEKELPGFLQSGKDKDAVDKLLKDLDANGDAQVDFSEFIVFVA
AITSACHKYFEKAGLKGGGGSGGSMTELETAMGMIIDVFSRYSGSEGSTQTLTKGELKVLMEKELPGFLQSGKDKDAVDK
LLKDLDANGDAQVDFSEFIVFVAAITSACHKYFEKAGLKTSAYTNFDAERDALNIETAIKTKGVDEVTIVNILTNRSNEQ
RQDIAFAYQRRTKKELASALKSALSGHLETVILGLLKTPAQYDASELKASMKGLGTDEDSLIEIICSRTNQELQEINRVY
KEMYKTDLEKDIISDTSGDFRKLMVALAKGRRAEDGSVIDYELIDQDARDLYDAGVKRKGTDVPKWISIMTERSVPHLQK
VFDRYKSYSPYDMLESIRKEVKGDLENAFLNLVQCIQNKPLYFADRLYDSMKGKGTRDKVLIRIMVSRSEVDMLKIRSEF
KRKYGKSLYYYIQQDTKGDYQKALLYLCGGDD
;
B
#
# COMPACT_ATOMS: atom_id res chain seq x y z
N PHE A 3 19.25 -14.56 -3.03
CA PHE A 3 18.87 -14.01 -1.74
C PHE A 3 20.08 -13.40 -1.04
N SER A 4 21.27 -13.82 -1.46
CA SER A 4 22.51 -13.39 -0.84
C SER A 4 22.57 -11.87 -0.70
N ASP A 5 22.40 -11.16 -1.83
CA ASP A 5 22.48 -9.71 -1.81
C ASP A 5 21.21 -9.05 -1.27
N LEU A 6 20.10 -9.79 -1.23
CA LEU A 6 18.86 -9.20 -0.72
C LEU A 6 18.90 -9.02 0.79
N TRP A 7 19.68 -9.85 1.48
CA TRP A 7 19.76 -9.76 2.93
C TRP A 7 20.33 -8.42 3.37
N LYS A 8 21.17 -7.83 2.54
CA LYS A 8 21.68 -6.51 2.95
C LYS A 8 20.61 -5.48 2.59
N LEU A 9 19.83 -5.75 1.55
CA LEU A 9 18.86 -4.76 1.10
C LEU A 9 17.69 -4.60 2.06
N LEU A 10 17.29 -5.68 2.74
CA LEU A 10 16.13 -5.59 3.62
C LEU A 10 16.29 -4.54 4.71
N PRO A 11 17.36 -4.55 5.53
CA PRO A 11 17.46 -3.48 6.52
C PRO A 11 18.08 -2.20 5.94
N SER A 17 10.50 -7.47 10.16
CA SER A 17 10.91 -8.87 10.08
C SER A 17 10.75 -9.61 11.42
N PRO A 18 9.53 -9.68 11.96
CA PRO A 18 9.33 -10.33 13.25
C PRO A 18 8.93 -11.80 13.11
N LEU A 19 9.14 -12.53 14.19
CA LEU A 19 8.89 -13.98 14.19
C LEU A 19 7.43 -14.27 14.49
N PRO A 20 6.70 -14.96 13.59
CA PRO A 20 5.27 -15.23 13.79
C PRO A 20 4.99 -16.52 14.57
N SER A 21 5.70 -16.70 15.68
CA SER A 21 5.59 -17.95 16.44
C SER A 21 4.20 -18.11 17.04
N GLN A 22 3.62 -17.03 17.57
CA GLN A 22 2.30 -17.14 18.18
C GLN A 22 1.23 -17.40 17.14
N ALA A 23 1.32 -16.74 15.98
CA ALA A 23 0.35 -16.99 14.93
C ALA A 23 0.39 -18.44 14.47
N MET A 24 1.60 -19.01 14.38
CA MET A 24 1.71 -20.42 13.98
C MET A 24 1.15 -21.34 15.05
N ASP A 25 1.51 -21.09 16.31
CA ASP A 25 0.98 -21.89 17.41
C ASP A 25 -0.54 -21.86 17.42
N ASP A 26 -1.13 -20.69 17.15
CA ASP A 26 -2.58 -20.55 17.25
C ASP A 26 -3.32 -21.46 16.28
N LEU A 27 -2.68 -21.83 15.17
CA LEU A 27 -3.34 -22.71 14.20
C LEU A 27 -3.53 -24.11 14.76
N MET A 28 -2.70 -24.49 15.75
CA MET A 28 -2.81 -25.76 16.47
C MET A 28 -2.75 -26.97 15.53
N LEU A 29 -2.00 -26.87 14.44
CA LEU A 29 -1.82 -28.02 13.56
C LEU A 29 -0.95 -29.06 14.24
N SER A 30 -1.45 -30.29 14.33
CA SER A 30 -0.79 -31.36 15.06
C SER A 30 -0.55 -32.56 14.15
N PRO A 31 0.29 -33.52 14.54
CA PRO A 31 0.48 -34.71 13.68
C PRO A 31 -0.79 -35.48 13.41
N ASP A 32 -1.82 -35.36 14.25
CA ASP A 32 -3.10 -36.00 13.95
C ASP A 32 -3.70 -35.46 12.66
N ASP A 33 -3.58 -34.14 12.45
CA ASP A 33 -4.08 -33.55 11.21
C ASP A 33 -3.34 -34.10 10.00
N ILE A 34 -2.01 -34.21 10.09
CA ILE A 34 -1.24 -34.74 8.98
C ILE A 34 -1.55 -36.22 8.74
N GLU A 35 -1.82 -36.97 9.81
CA GLU A 35 -2.20 -38.37 9.66
C GLU A 35 -3.53 -38.49 8.92
N GLN A 36 -4.52 -37.69 9.33
CA GLN A 36 -5.80 -37.68 8.61
C GLN A 36 -5.61 -37.28 7.15
N TRP A 37 -4.74 -36.30 6.89
CA TRP A 37 -4.51 -35.85 5.53
C TRP A 37 -3.86 -36.96 4.68
N PHE A 38 -2.86 -37.64 5.24
CA PHE A 38 -2.17 -38.71 4.52
C PHE A 38 -3.02 -39.98 4.41
N THR A 39 -4.21 -39.99 4.99
CA THR A 39 -5.11 -41.14 4.96
C THR A 39 -4.43 -42.41 5.44
N MET B 2 21.28 -21.35 -6.51
CA MET B 2 20.52 -21.22 -5.28
C MET B 2 20.71 -22.44 -4.38
N THR B 3 20.71 -22.21 -3.07
CA THR B 3 20.76 -23.31 -2.12
C THR B 3 19.41 -24.03 -2.09
N GLU B 4 19.40 -25.22 -1.48
CA GLU B 4 18.16 -25.97 -1.36
C GLU B 4 17.10 -25.18 -0.60
N LEU B 5 17.49 -24.55 0.51
CA LEU B 5 16.55 -23.76 1.30
C LEU B 5 16.09 -22.53 0.53
N GLU B 6 17.01 -21.84 -0.15
CA GLU B 6 16.63 -20.72 -0.99
C GLU B 6 15.65 -21.15 -2.06
N THR B 7 15.91 -22.30 -2.68
CA THR B 7 15.02 -22.82 -3.72
C THR B 7 13.63 -23.09 -3.14
N ALA B 8 13.57 -23.67 -1.94
CA ALA B 8 12.28 -23.96 -1.33
C ALA B 8 11.51 -22.67 -1.04
N MET B 9 12.21 -21.66 -0.51
CA MET B 9 11.57 -20.37 -0.23
C MET B 9 11.03 -19.73 -1.51
N GLY B 10 11.85 -19.74 -2.57
CA GLY B 10 11.39 -19.22 -3.84
C GLY B 10 10.21 -19.99 -4.39
N MET B 11 10.17 -21.30 -4.14
CA MET B 11 9.04 -22.11 -4.60
C MET B 11 7.76 -21.73 -3.86
N ILE B 12 7.84 -21.51 -2.55
CA ILE B 12 6.65 -21.07 -1.81
C ILE B 12 6.18 -19.72 -2.33
N ILE B 13 7.12 -18.79 -2.54
CA ILE B 13 6.75 -17.48 -3.07
C ILE B 13 6.09 -17.62 -4.44
N ASP B 14 6.63 -18.49 -5.29
CA ASP B 14 6.09 -18.65 -6.64
C ASP B 14 4.70 -19.28 -6.61
N VAL B 15 4.47 -20.22 -5.68
CA VAL B 15 3.15 -20.81 -5.54
C VAL B 15 2.13 -19.73 -5.17
N PHE B 16 2.44 -18.96 -4.13
CA PHE B 16 1.56 -17.85 -3.76
C PHE B 16 1.30 -16.93 -4.94
N SER B 17 2.37 -16.55 -5.65
CA SER B 17 2.23 -15.63 -6.78
C SER B 17 1.35 -16.21 -7.87
N ARG B 18 1.54 -17.48 -8.20
CA ARG B 18 0.74 -18.13 -9.23
C ARG B 18 -0.74 -18.06 -8.88
N TYR B 19 -1.08 -18.34 -7.62
CA TYR B 19 -2.51 -18.39 -7.34
C TYR B 19 -3.12 -17.04 -7.00
N SER B 20 -2.31 -16.08 -6.54
CA SER B 20 -2.87 -14.79 -6.16
C SER B 20 -3.14 -13.90 -7.37
N GLY B 21 -2.51 -14.19 -8.50
CA GLY B 21 -2.68 -13.35 -9.66
C GLY B 21 -3.88 -13.65 -10.52
N SER B 22 -4.66 -14.69 -10.19
CA SER B 22 -5.75 -15.09 -11.06
C SER B 22 -6.98 -14.19 -10.94
N GLU B 23 -7.17 -13.55 -9.79
CA GLU B 23 -8.24 -12.57 -9.65
C GLU B 23 -7.88 -11.59 -8.53
N GLY B 24 -8.40 -10.37 -8.65
CA GLY B 24 -8.15 -9.37 -7.64
C GLY B 24 -6.69 -8.93 -7.61
N SER B 25 -6.15 -8.87 -6.40
CA SER B 25 -4.82 -8.33 -6.16
C SER B 25 -3.74 -9.39 -6.31
N THR B 26 -2.56 -8.97 -6.78
CA THR B 26 -1.42 -9.87 -6.73
C THR B 26 -0.90 -10.07 -5.33
N GLN B 27 -1.41 -9.33 -4.34
CA GLN B 27 -0.91 -9.35 -2.98
C GLN B 27 -1.67 -10.31 -2.06
N THR B 28 -2.88 -10.75 -2.44
CA THR B 28 -3.67 -11.62 -1.58
C THR B 28 -4.33 -12.71 -2.39
N LEU B 29 -4.78 -13.74 -1.68
CA LEU B 29 -5.61 -14.80 -2.24
C LEU B 29 -7.07 -14.51 -1.92
N THR B 30 -7.91 -14.55 -2.95
CA THR B 30 -9.34 -14.57 -2.71
C THR B 30 -9.77 -15.97 -2.26
N LYS B 31 -11.01 -16.08 -1.79
CA LYS B 31 -11.52 -17.38 -1.36
C LYS B 31 -11.44 -18.40 -2.49
N GLY B 32 -11.85 -18.00 -3.70
CA GLY B 32 -11.76 -18.90 -4.83
C GLY B 32 -10.33 -19.27 -5.16
N GLU B 33 -9.44 -18.28 -5.15
CA GLU B 33 -8.02 -18.56 -5.36
C GLU B 33 -7.49 -19.51 -4.31
N LEU B 34 -7.92 -19.33 -3.05
CA LEU B 34 -7.47 -20.22 -1.98
C LEU B 34 -7.95 -21.64 -2.21
N LYS B 35 -9.20 -21.81 -2.66
CA LYS B 35 -9.71 -23.16 -2.92
C LYS B 35 -8.92 -23.82 -4.05
N VAL B 36 -8.62 -23.06 -5.12
CA VAL B 36 -7.85 -23.62 -6.23
C VAL B 36 -6.46 -24.02 -5.75
N LEU B 37 -5.81 -23.15 -4.98
CA LEU B 37 -4.48 -23.44 -4.45
C LEU B 37 -4.51 -24.70 -3.59
N MET B 38 -5.51 -24.83 -2.72
CA MET B 38 -5.59 -26.01 -1.87
C MET B 38 -5.79 -27.27 -2.70
N GLU B 39 -6.65 -27.20 -3.72
CA GLU B 39 -6.92 -28.38 -4.54
C GLU B 39 -5.70 -28.80 -5.34
N LYS B 40 -4.89 -27.86 -5.81
CA LYS B 40 -3.77 -28.21 -6.68
C LYS B 40 -2.46 -28.43 -5.95
N GLU B 41 -2.24 -27.73 -4.84
CA GLU B 41 -0.96 -27.74 -4.12
C GLU B 41 -0.99 -28.54 -2.83
N LEU B 42 -2.16 -28.68 -2.20
CA LEU B 42 -2.30 -29.49 -1.00
C LEU B 42 -3.52 -30.41 -1.13
N PRO B 43 -3.52 -31.29 -2.13
CA PRO B 43 -4.71 -32.11 -2.37
C PRO B 43 -4.97 -33.05 -1.21
N GLY B 44 -6.22 -33.11 -0.78
CA GLY B 44 -6.63 -33.93 0.34
C GLY B 44 -6.63 -33.22 1.67
N PHE B 45 -5.86 -32.14 1.82
CA PHE B 45 -5.85 -31.41 3.09
C PHE B 45 -7.22 -30.82 3.38
N LEU B 46 -7.75 -30.04 2.45
CA LEU B 46 -9.15 -29.64 2.49
C LEU B 46 -10.00 -30.84 2.13
N GLN B 47 -10.79 -31.33 3.09
CA GLN B 47 -11.60 -32.52 2.86
C GLN B 47 -12.97 -32.14 2.30
N SER B 48 -12.93 -31.41 1.19
CA SER B 48 -14.15 -31.17 0.42
C SER B 48 -14.68 -32.51 -0.08
N GLY B 49 -16.01 -32.65 -0.06
CA GLY B 49 -16.67 -33.93 -0.11
C GLY B 49 -17.18 -34.37 1.25
N LYS B 50 -16.46 -33.93 2.28
CA LYS B 50 -16.92 -34.04 3.67
C LYS B 50 -17.88 -32.87 3.82
N ASP B 51 -17.42 -31.66 3.52
CA ASP B 51 -18.25 -30.48 3.52
C ASP B 51 -17.76 -29.52 2.43
N LYS B 52 -18.72 -28.97 1.68
CA LYS B 52 -18.43 -27.98 0.63
C LYS B 52 -18.19 -26.59 1.19
N ASP B 53 -18.32 -26.40 2.50
CA ASP B 53 -18.00 -25.14 3.15
C ASP B 53 -16.57 -25.12 3.68
N ALA B 54 -15.76 -26.13 3.32
CA ALA B 54 -14.44 -26.28 3.92
C ALA B 54 -13.56 -25.06 3.69
N VAL B 55 -13.61 -24.50 2.48
CA VAL B 55 -12.75 -23.36 2.17
C VAL B 55 -13.18 -22.12 2.95
N ASP B 56 -14.47 -21.99 3.26
CA ASP B 56 -14.91 -20.84 4.05
C ASP B 56 -14.33 -20.92 5.46
N LYS B 57 -14.38 -22.10 6.07
CA LYS B 57 -13.77 -22.31 7.37
C LYS B 57 -12.27 -22.05 7.32
N LEU B 58 -11.60 -22.56 6.28
CA LEU B 58 -10.15 -22.36 6.18
C LEU B 58 -9.80 -20.88 6.05
N LEU B 59 -10.53 -20.17 5.18
CA LEU B 59 -10.30 -18.73 5.01
C LEU B 59 -10.48 -18.00 6.34
N LYS B 60 -11.55 -18.32 7.08
CA LYS B 60 -11.73 -17.69 8.38
C LYS B 60 -10.58 -18.00 9.32
N ASP B 61 -10.06 -19.23 9.25
CA ASP B 61 -8.97 -19.63 10.13
C ASP B 61 -7.67 -18.91 9.81
N LEU B 62 -7.43 -18.61 8.53
CA LEU B 62 -6.17 -17.99 8.11
C LEU B 62 -6.23 -16.47 8.02
N ASP B 63 -7.43 -15.87 8.00
CA ASP B 63 -7.60 -14.45 7.71
C ASP B 63 -7.41 -13.65 9.00
N ALA B 64 -6.14 -13.40 9.33
CA ALA B 64 -5.81 -12.78 10.61
C ALA B 64 -6.33 -11.35 10.71
N ASN B 65 -6.24 -10.58 9.62
CA ASN B 65 -6.66 -9.18 9.64
C ASN B 65 -8.11 -8.98 9.21
N GLY B 66 -8.82 -10.05 8.86
CA GLY B 66 -10.25 -9.98 8.67
C GLY B 66 -10.75 -9.29 7.42
N ASP B 67 -9.96 -9.29 6.35
CA ASP B 67 -10.36 -8.69 5.08
C ASP B 67 -10.87 -9.71 4.06
N ALA B 68 -11.16 -10.94 4.51
CA ALA B 68 -11.67 -12.01 3.65
C ALA B 68 -10.70 -12.39 2.54
N GLN B 69 -9.41 -12.13 2.75
CA GLN B 69 -8.37 -12.55 1.82
C GLN B 69 -7.18 -13.09 2.61
N VAL B 70 -6.34 -13.86 1.94
CA VAL B 70 -5.13 -14.41 2.55
C VAL B 70 -3.93 -13.74 1.89
N ASP B 71 -3.30 -12.81 2.60
CA ASP B 71 -2.06 -12.20 2.09
C ASP B 71 -0.91 -13.16 2.35
N PHE B 72 0.32 -12.72 2.10
CA PHE B 72 1.43 -13.65 2.18
C PHE B 72 1.83 -13.97 3.61
N SER B 73 1.69 -13.02 4.54
CA SER B 73 1.99 -13.30 5.94
C SER B 73 1.12 -14.45 6.46
N GLU B 74 -0.19 -14.34 6.24
CA GLU B 74 -1.13 -15.39 6.65
C GLU B 74 -0.82 -16.72 5.95
N PHE B 75 -0.57 -16.66 4.64
CA PHE B 75 -0.26 -17.88 3.90
C PHE B 75 0.99 -18.55 4.43
N ILE B 76 2.04 -17.78 4.72
CA ILE B 76 3.32 -18.37 5.11
C ILE B 76 3.25 -18.92 6.52
N VAL B 77 2.49 -18.28 7.42
CA VAL B 77 2.33 -18.91 8.72
C VAL B 77 1.55 -20.21 8.59
N PHE B 78 0.59 -20.27 7.67
CA PHE B 78 -0.12 -21.53 7.41
C PHE B 78 0.84 -22.61 6.92
N VAL B 79 1.69 -22.26 5.93
CA VAL B 79 2.62 -23.24 5.36
C VAL B 79 3.60 -23.73 6.42
N ALA B 80 4.06 -22.81 7.28
CA ALA B 80 4.99 -23.19 8.34
C ALA B 80 4.34 -24.12 9.35
N ALA B 81 3.08 -23.86 9.70
CA ALA B 81 2.38 -24.75 10.64
C ALA B 81 2.24 -26.14 10.04
N ILE B 82 1.88 -26.23 8.77
CA ILE B 82 1.75 -27.55 8.15
C ILE B 82 3.10 -28.26 8.13
N THR B 83 4.17 -27.55 7.76
CA THR B 83 5.48 -28.17 7.69
C THR B 83 5.95 -28.66 9.05
N SER B 84 5.73 -27.87 10.10
CA SER B 84 6.10 -28.28 11.45
C SER B 84 5.30 -29.51 11.87
N ALA B 85 4.01 -29.54 11.56
CA ALA B 85 3.19 -30.70 11.90
C ALA B 85 3.69 -31.95 11.16
N CYS B 86 4.06 -31.80 9.88
CA CYS B 86 4.60 -32.92 9.12
C CYS B 86 5.92 -33.40 9.69
N HIS B 87 6.78 -32.47 10.13
CA HIS B 87 8.03 -32.88 10.76
C HIS B 87 7.77 -33.70 12.02
N LYS B 88 6.86 -33.23 12.86
CA LYS B 88 6.52 -33.97 14.07
C LYS B 88 5.90 -35.33 13.74
N TYR B 89 5.11 -35.38 12.67
CA TYR B 89 4.46 -36.64 12.28
C TYR B 89 5.48 -37.64 11.76
N PHE B 90 6.45 -37.19 10.97
CA PHE B 90 7.52 -38.07 10.52
C PHE B 90 8.39 -38.52 11.69
N GLU B 91 8.61 -37.64 12.66
CA GLU B 91 9.38 -38.00 13.84
C GLU B 91 8.69 -39.10 14.63
N LYS B 92 7.44 -38.85 15.01
CA LYS B 92 6.63 -39.77 15.84
C LYS B 92 6.49 -41.13 15.15
N ALA B 93 6.39 -41.15 13.84
CA ALA B 93 6.22 -42.37 13.07
C ALA B 93 7.54 -43.04 12.73
N GLY B 94 8.66 -42.42 13.07
CA GLY B 94 9.96 -43.01 12.77
C GLY B 94 10.25 -43.11 11.28
N MET B 105 3.72 -35.68 -5.73
CA MET B 105 4.07 -34.59 -4.81
C MET B 105 4.05 -33.27 -5.54
N THR B 106 3.24 -32.34 -5.05
CA THR B 106 3.07 -31.04 -5.70
C THR B 106 4.27 -30.15 -5.42
N GLU B 107 4.25 -28.95 -6.02
CA GLU B 107 5.34 -28.01 -5.82
C GLU B 107 5.43 -27.54 -4.37
N LEU B 108 4.29 -27.14 -3.79
CA LEU B 108 4.29 -26.68 -2.41
C LEU B 108 4.72 -27.78 -1.45
N GLU B 109 4.19 -28.99 -1.64
CA GLU B 109 4.61 -30.12 -0.82
C GLU B 109 6.10 -30.37 -0.97
N THR B 110 6.63 -30.22 -2.19
CA THR B 110 8.05 -30.39 -2.43
C THR B 110 8.87 -29.37 -1.64
N ALA B 111 8.43 -28.10 -1.65
CA ALA B 111 9.16 -27.07 -0.92
C ALA B 111 9.16 -27.36 0.58
N MET B 112 8.02 -27.78 1.11
CA MET B 112 7.96 -28.11 2.54
C MET B 112 8.87 -29.29 2.88
N GLY B 113 8.83 -30.34 2.05
CA GLY B 113 9.73 -31.46 2.25
C GLY B 113 11.18 -31.07 2.17
N MET B 114 11.51 -30.10 1.30
CA MET B 114 12.89 -29.64 1.20
C MET B 114 13.33 -28.93 2.47
N ILE B 115 12.46 -28.09 3.02
CA ILE B 115 12.81 -27.42 4.28
C ILE B 115 13.02 -28.45 5.39
N ILE B 116 12.16 -29.48 5.44
CA ILE B 116 12.32 -30.53 6.44
C ILE B 116 13.67 -31.24 6.26
N ASP B 117 13.99 -31.60 5.01
CA ASP B 117 15.22 -32.33 4.73
C ASP B 117 16.45 -31.49 5.07
N VAL B 118 16.40 -30.19 4.77
CA VAL B 118 17.53 -29.31 5.07
C VAL B 118 17.74 -29.23 6.58
N PHE B 119 16.66 -29.05 7.33
CA PHE B 119 16.80 -29.04 8.79
C PHE B 119 17.44 -30.34 9.28
N SER B 120 16.94 -31.48 8.80
CA SER B 120 17.42 -32.76 9.31
C SER B 120 18.84 -33.09 8.85
N ARG B 121 19.33 -32.47 7.77
CA ARG B 121 20.69 -32.76 7.34
C ARG B 121 21.74 -32.06 8.19
N TYR B 122 21.37 -31.00 8.92
CA TYR B 122 22.26 -30.32 9.83
C TYR B 122 21.94 -30.55 11.30
N SER B 123 20.83 -31.21 11.61
CA SER B 123 20.37 -31.35 12.99
C SER B 123 21.02 -32.55 13.68
N GLY B 124 20.93 -32.55 15.01
CA GLY B 124 21.47 -33.63 15.81
C GLY B 124 20.43 -34.15 16.79
N SER B 125 20.67 -35.39 17.24
CA SER B 125 19.73 -36.05 18.14
C SER B 125 19.73 -35.37 19.51
N GLU B 126 18.54 -35.17 20.06
CA GLU B 126 18.38 -34.63 21.41
C GLU B 126 17.06 -35.15 21.97
N GLY B 127 17.14 -36.00 22.98
CA GLY B 127 15.93 -36.65 23.46
C GLY B 127 15.40 -37.57 22.37
N SER B 128 14.14 -37.35 21.99
CA SER B 128 13.57 -37.99 20.82
C SER B 128 13.34 -37.02 19.68
N THR B 129 13.68 -35.75 19.86
CA THR B 129 13.54 -34.72 18.86
C THR B 129 14.89 -34.49 18.16
N GLN B 130 14.84 -33.81 17.02
CA GLN B 130 16.03 -33.33 16.32
C GLN B 130 16.13 -31.82 16.50
N THR B 131 17.29 -31.34 16.93
CA THR B 131 17.50 -29.92 17.16
C THR B 131 18.86 -29.50 16.60
N LEU B 132 19.07 -28.20 16.56
CA LEU B 132 20.35 -27.61 16.17
C LEU B 132 20.97 -26.94 17.38
N THR B 133 22.23 -27.27 17.67
CA THR B 133 23.01 -26.45 18.58
C THR B 133 23.45 -25.18 17.84
N LYS B 134 24.26 -24.36 18.49
CA LYS B 134 24.68 -23.12 17.85
C LYS B 134 25.60 -23.40 16.66
N GLY B 135 26.52 -24.35 16.80
CA GLY B 135 27.41 -24.64 15.69
C GLY B 135 26.69 -25.21 14.48
N GLU B 136 25.75 -26.11 14.72
CA GLU B 136 24.91 -26.63 13.63
C GLU B 136 24.15 -25.51 12.95
N LEU B 137 23.57 -24.60 13.75
CA LEU B 137 22.86 -23.46 13.18
C LEU B 137 23.80 -22.58 12.36
N LYS B 138 25.02 -22.38 12.85
CA LYS B 138 26.03 -21.62 12.13
C LYS B 138 26.29 -22.21 10.76
N VAL B 139 26.56 -23.51 10.70
CA VAL B 139 26.88 -24.15 9.42
C VAL B 139 25.67 -24.14 8.50
N LEU B 140 24.47 -24.36 9.06
CA LEU B 140 23.26 -24.29 8.25
C LEU B 140 23.09 -22.91 7.63
N MET B 141 23.34 -21.86 8.41
CA MET B 141 23.18 -20.51 7.89
C MET B 141 24.22 -20.20 6.82
N GLU B 142 25.45 -20.67 7.03
CA GLU B 142 26.51 -20.34 6.08
C GLU B 142 26.39 -21.13 4.78
N LYS B 143 25.79 -22.32 4.82
CA LYS B 143 25.67 -23.14 3.61
C LYS B 143 24.32 -23.03 2.92
N GLU B 144 23.26 -22.67 3.64
CA GLU B 144 21.91 -22.62 3.07
C GLU B 144 21.35 -21.21 2.94
N LEU B 145 21.88 -20.25 3.70
CA LEU B 145 21.45 -18.85 3.60
C LEU B 145 22.67 -17.94 3.60
N PRO B 146 23.53 -18.06 2.60
CA PRO B 146 24.79 -17.30 2.62
C PRO B 146 24.54 -15.81 2.55
N GLY B 147 25.27 -15.05 3.37
CA GLY B 147 25.14 -13.62 3.44
C GLY B 147 24.21 -13.12 4.51
N PHE B 148 23.40 -13.99 5.13
CA PHE B 148 22.47 -13.53 6.15
C PHE B 148 23.20 -13.10 7.42
N LEU B 149 24.12 -13.93 7.89
CA LEU B 149 24.89 -13.61 9.11
C LEU B 149 25.82 -12.43 8.85
N ASP B 154 28.41 -8.96 13.35
CA ASP B 154 28.98 -9.22 14.66
C ASP B 154 29.91 -10.43 14.60
N LYS B 155 30.86 -10.48 15.55
CA LYS B 155 31.76 -11.62 15.62
C LYS B 155 31.03 -12.92 15.93
N ASP B 156 29.96 -12.84 16.73
CA ASP B 156 29.13 -14.00 17.06
C ASP B 156 27.67 -13.65 16.76
N ALA B 157 27.40 -13.25 15.52
CA ALA B 157 26.02 -13.02 15.09
C ALA B 157 25.20 -14.29 15.14
N VAL B 158 25.84 -15.46 15.07
CA VAL B 158 25.11 -16.71 15.18
C VAL B 158 24.56 -16.88 16.59
N ASP B 159 25.23 -16.33 17.60
CA ASP B 159 24.69 -16.41 18.96
C ASP B 159 23.45 -15.54 19.11
N LYS B 160 23.45 -14.36 18.50
CA LYS B 160 22.24 -13.54 18.51
C LYS B 160 21.12 -14.20 17.73
N LEU B 161 21.46 -14.85 16.62
CA LEU B 161 20.43 -15.59 15.85
C LEU B 161 19.89 -16.69 16.75
N LEU B 162 20.78 -17.42 17.41
CA LEU B 162 20.33 -18.51 18.31
C LEU B 162 19.39 -17.92 19.35
N LYS B 163 19.79 -16.85 20.03
CA LYS B 163 18.94 -16.32 21.12
C LYS B 163 17.60 -15.84 20.58
N ASP B 164 17.60 -15.22 19.40
CA ASP B 164 16.36 -14.75 18.74
C ASP B 164 15.42 -15.92 18.41
N LEU B 165 15.96 -17.05 17.97
CA LEU B 165 15.11 -18.20 17.58
C LEU B 165 14.78 -19.09 18.77
N ASP B 166 15.62 -19.12 19.78
CA ASP B 166 15.45 -20.08 20.91
C ASP B 166 14.29 -19.66 21.80
N ALA B 167 13.06 -19.89 21.38
CA ALA B 167 11.85 -19.43 22.10
C ALA B 167 11.73 -20.05 23.48
N ASN B 168 11.93 -21.36 23.61
CA ASN B 168 11.80 -21.99 24.92
C ASN B 168 13.07 -21.89 25.75
N GLY B 169 14.14 -21.31 25.21
CA GLY B 169 15.35 -21.08 25.98
C GLY B 169 16.09 -22.32 26.42
N ASP B 170 16.10 -23.38 25.61
CA ASP B 170 16.85 -24.59 25.94
C ASP B 170 18.18 -24.67 25.20
N ALA B 171 18.67 -23.53 24.70
CA ALA B 171 19.96 -23.38 24.02
C ALA B 171 20.05 -24.14 22.70
N GLN B 172 18.92 -24.56 22.15
CA GLN B 172 18.88 -25.25 20.87
C GLN B 172 17.75 -24.66 20.02
N VAL B 173 17.75 -25.02 18.74
CA VAL B 173 16.69 -24.64 17.81
C VAL B 173 16.03 -25.92 17.33
N ASP B 174 14.81 -26.17 17.79
CA ASP B 174 14.03 -27.29 17.27
C ASP B 174 13.37 -26.85 15.96
N PHE B 175 12.61 -27.76 15.32
CA PHE B 175 12.11 -27.46 14.00
C PHE B 175 11.05 -26.36 14.03
N SER B 176 10.28 -26.26 15.10
CA SER B 176 9.26 -25.22 15.17
C SER B 176 9.90 -23.84 15.14
N GLU B 177 10.93 -23.63 15.96
CA GLU B 177 11.64 -22.35 15.97
C GLU B 177 12.28 -22.05 14.62
N PHE B 178 12.90 -23.07 14.02
CA PHE B 178 13.52 -22.89 12.70
C PHE B 178 12.50 -22.49 11.65
N ILE B 179 11.36 -23.19 11.60
CA ILE B 179 10.37 -22.93 10.56
C ILE B 179 9.71 -21.57 10.77
N VAL B 180 9.59 -21.13 12.03
CA VAL B 180 9.13 -19.76 12.27
C VAL B 180 10.11 -18.76 11.68
N PHE B 181 11.42 -19.01 11.88
CA PHE B 181 12.43 -18.13 11.29
C PHE B 181 12.35 -18.12 9.76
N VAL B 182 12.16 -19.30 9.16
CA VAL B 182 12.11 -19.40 7.70
C VAL B 182 10.91 -18.64 7.17
N ALA B 183 9.76 -18.80 7.83
CA ALA B 183 8.56 -18.05 7.45
C ALA B 183 8.82 -16.56 7.52
N ALA B 184 9.48 -16.10 8.58
CA ALA B 184 9.72 -14.67 8.74
C ALA B 184 10.59 -14.12 7.60
N ILE B 185 11.67 -14.83 7.25
CA ILE B 185 12.54 -14.28 6.22
C ILE B 185 11.91 -14.39 4.83
N THR B 186 11.15 -15.46 4.56
CA THR B 186 10.43 -15.53 3.29
C THR B 186 9.42 -14.40 3.18
N SER B 187 8.71 -14.09 4.27
CA SER B 187 7.78 -12.98 4.27
C SER B 187 8.49 -11.66 4.03
N ALA B 188 9.67 -11.47 4.63
CA ALA B 188 10.43 -10.24 4.41
C ALA B 188 10.82 -10.11 2.95
N CYS B 189 11.24 -11.22 2.32
CA CYS B 189 11.58 -11.18 0.90
C CYS B 189 10.38 -10.77 0.05
N HIS B 190 9.22 -11.37 0.33
CA HIS B 190 8.01 -11.05 -0.44
C HIS B 190 7.63 -9.58 -0.28
N LYS B 191 7.70 -9.06 0.94
CA LYS B 191 7.31 -7.66 1.15
C LYS B 191 8.33 -6.70 0.52
N TYR B 192 9.61 -7.06 0.51
CA TYR B 192 10.57 -6.24 -0.23
C TYR B 192 10.25 -6.24 -1.71
N PHE B 193 9.85 -7.39 -2.25
CA PHE B 193 9.43 -7.45 -3.64
C PHE B 193 8.21 -6.56 -3.88
N GLU B 194 7.33 -6.45 -2.89
CA GLU B 194 6.23 -5.50 -3.02
C GLU B 194 6.73 -4.06 -3.04
N LYS B 195 7.50 -3.67 -2.03
CA LYS B 195 8.01 -2.30 -1.92
C LYS B 195 8.96 -1.95 -3.05
N ASN B 205 -0.96 -11.71 -17.13
CA ASN B 205 -1.16 -11.03 -18.41
C ASN B 205 -2.46 -10.23 -18.41
N PHE B 206 -2.39 -8.99 -18.88
CA PHE B 206 -3.56 -8.13 -18.97
C PHE B 206 -4.20 -8.24 -20.34
N ASP B 207 -5.52 -8.34 -20.35
CA ASP B 207 -6.30 -8.34 -21.59
C ASP B 207 -7.56 -7.53 -21.39
N ALA B 208 -7.72 -6.46 -22.17
CA ALA B 208 -8.84 -5.56 -21.96
C ALA B 208 -10.16 -6.18 -22.41
N GLU B 209 -10.13 -7.02 -23.46
CA GLU B 209 -11.37 -7.63 -23.94
C GLU B 209 -11.94 -8.58 -22.90
N ARG B 210 -11.08 -9.39 -22.27
CA ARG B 210 -11.55 -10.31 -21.24
C ARG B 210 -12.08 -9.56 -20.02
N ASP B 211 -11.37 -8.50 -19.60
CA ASP B 211 -11.86 -7.67 -18.50
C ASP B 211 -13.21 -7.07 -18.81
N ALA B 212 -13.38 -6.55 -20.03
CA ALA B 212 -14.64 -5.94 -20.41
C ALA B 212 -15.78 -6.96 -20.45
N LEU B 213 -15.50 -8.17 -20.95
CA LEU B 213 -16.52 -9.21 -20.96
C LEU B 213 -16.93 -9.58 -19.54
N ASN B 214 -15.95 -9.77 -18.64
CA ASN B 214 -16.28 -10.14 -17.28
C ASN B 214 -17.02 -9.02 -16.56
N ILE B 215 -16.70 -7.76 -16.87
CA ILE B 215 -17.40 -6.64 -16.24
C ILE B 215 -18.83 -6.54 -16.76
N GLU B 216 -19.03 -6.76 -18.06
CA GLU B 216 -20.40 -6.79 -18.60
C GLU B 216 -21.20 -7.91 -17.95
N THR B 217 -20.57 -9.07 -17.77
CA THR B 217 -21.24 -10.17 -17.08
C THR B 217 -21.64 -9.78 -15.66
N ALA B 218 -20.71 -9.17 -14.92
CA ALA B 218 -20.99 -8.75 -13.54
C ALA B 218 -22.07 -7.68 -13.49
N ILE B 219 -22.14 -6.82 -14.51
CA ILE B 219 -23.15 -5.77 -14.55
C ILE B 219 -24.53 -6.37 -14.82
N LYS B 220 -24.62 -7.28 -15.78
CA LYS B 220 -25.90 -7.85 -16.17
C LYS B 220 -26.35 -8.99 -15.27
N THR B 221 -25.50 -9.45 -14.35
CA THR B 221 -25.93 -10.44 -13.37
C THR B 221 -27.01 -9.85 -12.48
N LYS B 222 -28.03 -10.66 -12.21
CA LYS B 222 -29.15 -10.20 -11.39
C LYS B 222 -28.67 -9.79 -10.01
N GLY B 223 -28.96 -8.54 -9.64
CA GLY B 223 -28.47 -7.95 -8.41
C GLY B 223 -27.12 -7.27 -8.54
N VAL B 224 -26.43 -7.47 -9.66
CA VAL B 224 -25.10 -6.91 -9.94
C VAL B 224 -24.05 -7.59 -9.08
N ASP B 225 -22.98 -8.06 -9.73
CA ASP B 225 -21.85 -8.68 -9.05
C ASP B 225 -20.79 -7.60 -8.84
N GLU B 226 -20.99 -6.80 -7.79
CA GLU B 226 -20.05 -5.73 -7.49
C GLU B 226 -18.66 -6.26 -7.15
N VAL B 227 -18.58 -7.47 -6.61
CA VAL B 227 -17.30 -8.02 -6.17
C VAL B 227 -16.36 -8.17 -7.35
N THR B 228 -16.88 -8.68 -8.47
CA THR B 228 -16.05 -8.84 -9.67
C THR B 228 -15.63 -7.48 -10.22
N ILE B 229 -16.55 -6.52 -10.24
CA ILE B 229 -16.26 -5.18 -10.73
C ILE B 229 -15.12 -4.56 -9.93
N VAL B 230 -15.17 -4.69 -8.60
CA VAL B 230 -14.10 -4.15 -7.77
C VAL B 230 -12.80 -4.91 -7.99
N ASN B 231 -12.86 -6.25 -7.93
CA ASN B 231 -11.68 -7.08 -8.13
C ASN B 231 -10.92 -6.69 -9.39
N ILE B 232 -11.63 -6.43 -10.47
CA ILE B 232 -10.95 -6.07 -11.71
C ILE B 232 -10.49 -4.62 -11.67
N LEU B 233 -11.43 -3.68 -11.47
CA LEU B 233 -11.11 -2.27 -11.75
C LEU B 233 -10.14 -1.68 -10.73
N THR B 234 -10.18 -2.11 -9.47
CA THR B 234 -9.25 -1.53 -8.51
C THR B 234 -7.88 -2.20 -8.53
N ASN B 235 -7.66 -3.15 -9.44
CA ASN B 235 -6.37 -3.81 -9.59
C ASN B 235 -5.87 -3.69 -11.02
N ARG B 236 -6.19 -2.57 -11.67
CA ARG B 236 -5.63 -2.22 -12.96
C ARG B 236 -5.12 -0.78 -12.89
N SER B 237 -4.11 -0.48 -13.70
CA SER B 237 -3.66 0.89 -13.83
C SER B 237 -4.72 1.75 -14.52
N ASN B 238 -4.57 3.06 -14.40
CA ASN B 238 -5.51 3.97 -15.05
C ASN B 238 -5.53 3.75 -16.57
N GLU B 239 -4.36 3.59 -17.18
CA GLU B 239 -4.30 3.31 -18.61
C GLU B 239 -5.05 2.02 -18.94
N GLN B 240 -4.89 0.98 -18.11
CA GLN B 240 -5.60 -0.27 -18.35
C GLN B 240 -7.10 -0.10 -18.18
N ARG B 241 -7.53 0.73 -17.25
CA ARG B 241 -8.96 1.04 -17.13
C ARG B 241 -9.48 1.76 -18.36
N GLN B 242 -8.66 2.63 -18.97
CA GLN B 242 -9.06 3.27 -20.21
C GLN B 242 -9.21 2.23 -21.32
N ASP B 243 -8.26 1.30 -21.41
CA ASP B 243 -8.37 0.20 -22.37
C ASP B 243 -9.64 -0.59 -22.15
N ILE B 244 -9.96 -0.88 -20.89
CA ILE B 244 -11.15 -1.66 -20.57
C ILE B 244 -12.41 -0.90 -20.96
N ALA B 245 -12.42 0.43 -20.74
CA ALA B 245 -13.58 1.23 -21.12
C ALA B 245 -13.76 1.24 -22.63
N PHE B 246 -12.66 1.34 -23.38
CA PHE B 246 -12.76 1.31 -24.84
C PHE B 246 -13.28 -0.04 -25.32
N ALA B 247 -12.73 -1.12 -24.77
CA ALA B 247 -13.18 -2.47 -25.14
C ALA B 247 -14.65 -2.67 -24.76
N TYR B 248 -15.06 -2.13 -23.62
CA TYR B 248 -16.45 -2.25 -23.21
C TYR B 248 -17.37 -1.52 -24.17
N GLN B 249 -17.00 -0.30 -24.55
CA GLN B 249 -17.82 0.45 -25.51
C GLN B 249 -17.90 -0.28 -26.84
N ARG B 250 -16.79 -0.86 -27.30
CA ARG B 250 -16.82 -1.55 -28.58
C ARG B 250 -17.63 -2.82 -28.52
N ARG B 251 -17.61 -3.51 -27.38
CA ARG B 251 -18.38 -4.74 -27.24
C ARG B 251 -19.87 -4.48 -27.08
N THR B 252 -20.22 -3.50 -26.24
CA THR B 252 -21.60 -3.25 -25.83
C THR B 252 -22.28 -2.13 -26.62
N LYS B 253 -21.51 -1.22 -27.22
CA LYS B 253 -22.01 0.00 -27.84
C LYS B 253 -22.64 0.96 -26.84
N LYS B 254 -22.33 0.79 -25.55
CA LYS B 254 -22.73 1.73 -24.52
C LYS B 254 -21.51 2.07 -23.67
N GLU B 255 -21.53 3.26 -23.08
CA GLU B 255 -20.38 3.74 -22.30
C GLU B 255 -20.26 2.99 -20.99
N LEU B 256 -19.04 2.54 -20.66
CA LEU B 256 -18.84 1.76 -19.45
C LEU B 256 -19.24 2.54 -18.20
N ALA B 257 -18.88 3.84 -18.17
CA ALA B 257 -19.17 4.65 -16.99
C ALA B 257 -20.66 4.82 -16.76
N SER B 258 -21.45 4.92 -17.83
CA SER B 258 -22.90 5.03 -17.67
C SER B 258 -23.51 3.72 -17.17
N ALA B 259 -23.07 2.59 -17.75
CA ALA B 259 -23.51 1.29 -17.29
C ALA B 259 -23.19 1.07 -15.82
N LEU B 260 -22.00 1.49 -15.38
CA LEU B 260 -21.62 1.32 -13.98
C LEU B 260 -22.37 2.29 -13.08
N LYS B 261 -22.59 3.52 -13.55
CA LYS B 261 -23.41 4.47 -12.81
C LYS B 261 -24.81 3.89 -12.57
N SER B 262 -25.36 3.22 -13.58
CA SER B 262 -26.66 2.57 -13.40
C SER B 262 -26.57 1.37 -12.47
N ALA B 263 -25.49 0.59 -12.57
CA ALA B 263 -25.39 -0.66 -11.84
C ALA B 263 -24.99 -0.50 -10.38
N LEU B 264 -24.30 0.58 -10.03
CA LEU B 264 -23.76 0.75 -8.69
C LEU B 264 -24.49 1.88 -7.96
N SER B 265 -24.15 2.05 -6.69
CA SER B 265 -24.73 3.11 -5.87
C SER B 265 -23.73 3.50 -4.79
N GLY B 266 -23.99 4.64 -4.17
CA GLY B 266 -23.27 5.11 -3.01
C GLY B 266 -21.77 5.34 -3.23
N HIS B 267 -21.02 5.12 -2.15
CA HIS B 267 -19.60 5.42 -2.15
C HIS B 267 -18.84 4.51 -3.12
N LEU B 268 -19.29 3.26 -3.28
CA LEU B 268 -18.67 2.39 -4.28
C LEU B 268 -18.79 3.00 -5.67
N GLU B 269 -19.97 3.55 -5.99
CA GLU B 269 -20.14 4.25 -7.25
C GLU B 269 -19.17 5.42 -7.36
N THR B 270 -19.08 6.23 -6.31
CA THR B 270 -18.13 7.34 -6.34
C THR B 270 -16.73 6.84 -6.68
N VAL B 271 -16.27 5.79 -5.99
CA VAL B 271 -14.93 5.27 -6.18
C VAL B 271 -14.72 4.81 -7.63
N ILE B 272 -15.65 3.98 -8.12
CA ILE B 272 -15.47 3.36 -9.43
C ILE B 272 -15.51 4.41 -10.52
N LEU B 273 -16.46 5.34 -10.45
CA LEU B 273 -16.55 6.40 -11.44
C LEU B 273 -15.31 7.27 -11.42
N GLY B 274 -14.75 7.54 -10.23
CA GLY B 274 -13.51 8.27 -10.17
C GLY B 274 -12.36 7.52 -10.83
N LEU B 275 -12.29 6.21 -10.60
CA LEU B 275 -11.22 5.42 -11.20
C LEU B 275 -11.33 5.39 -12.72
N LEU B 276 -12.54 5.50 -13.27
CA LEU B 276 -12.70 5.42 -14.71
C LEU B 276 -12.22 6.68 -15.44
N LYS B 277 -12.03 7.79 -14.73
CA LYS B 277 -11.51 9.00 -15.36
C LYS B 277 -9.99 8.96 -15.41
N THR B 278 -9.41 9.64 -16.41
CA THR B 278 -7.97 9.83 -16.43
C THR B 278 -7.57 10.65 -15.20
N PRO B 279 -6.29 10.60 -14.80
CA PRO B 279 -5.86 11.42 -13.65
C PRO B 279 -6.23 12.89 -13.80
N ALA B 280 -6.00 13.45 -14.99
CA ALA B 280 -6.31 14.86 -15.21
C ALA B 280 -7.82 15.09 -15.20
N GLN B 281 -8.59 14.20 -15.82
CA GLN B 281 -10.05 14.32 -15.79
C GLN B 281 -10.57 14.27 -14.37
N TYR B 282 -10.06 13.33 -13.57
CA TYR B 282 -10.52 13.21 -12.19
C TYR B 282 -10.19 14.47 -11.39
N ASP B 283 -8.95 14.96 -11.50
CA ASP B 283 -8.58 16.17 -10.79
C ASP B 283 -9.42 17.37 -11.24
N ALA B 284 -9.67 17.47 -12.54
CA ALA B 284 -10.44 18.58 -13.07
C ALA B 284 -11.88 18.56 -12.57
N SER B 285 -12.51 17.37 -12.58
CA SER B 285 -13.86 17.27 -12.07
C SER B 285 -13.93 17.55 -10.58
N GLU B 286 -12.90 17.16 -9.83
CA GLU B 286 -12.90 17.45 -8.40
C GLU B 286 -12.73 18.94 -8.14
N LEU B 287 -11.91 19.62 -8.94
CA LEU B 287 -11.78 21.08 -8.79
C LEU B 287 -13.08 21.79 -9.12
N LYS B 288 -13.69 21.44 -10.26
CA LYS B 288 -14.99 22.00 -10.62
C LYS B 288 -16.00 21.77 -9.49
N ALA B 289 -16.05 20.55 -8.95
CA ALA B 289 -16.95 20.26 -7.84
C ALA B 289 -16.63 21.12 -6.62
N SER B 290 -15.34 21.42 -6.39
CA SER B 290 -14.97 22.29 -5.29
C SER B 290 -15.41 23.73 -5.51
N MET B 291 -15.63 24.15 -6.76
CA MET B 291 -16.10 25.51 -6.99
C MET B 291 -17.54 25.63 -7.49
N LYS B 292 -18.13 24.55 -7.99
CA LYS B 292 -19.50 24.62 -8.51
C LYS B 292 -20.50 24.87 -7.38
N GLY B 293 -21.34 25.87 -7.55
CA GLY B 293 -22.39 26.16 -6.59
C GLY B 293 -22.00 27.22 -5.57
N LEU B 294 -22.89 27.38 -4.59
CA LEU B 294 -22.70 28.41 -3.58
C LEU B 294 -21.42 28.18 -2.78
N GLY B 295 -20.60 29.22 -2.69
CA GLY B 295 -19.40 29.14 -1.87
C GLY B 295 -18.29 28.36 -2.53
N THR B 296 -17.39 27.84 -1.68
CA THR B 296 -16.18 27.18 -2.11
C THR B 296 -15.82 26.10 -1.11
N ASP B 297 -15.38 24.94 -1.63
CA ASP B 297 -14.75 23.92 -0.79
C ASP B 297 -13.25 24.16 -0.84
N GLU B 298 -12.80 25.09 0.02
CA GLU B 298 -11.41 25.52 -0.03
C GLU B 298 -10.47 24.38 0.33
N ASP B 299 -10.89 23.46 1.20
CA ASP B 299 -10.02 22.36 1.58
C ASP B 299 -9.66 21.50 0.38
N SER B 300 -10.66 21.15 -0.45
CA SER B 300 -10.41 20.34 -1.63
C SER B 300 -9.60 21.09 -2.68
N LEU B 301 -9.98 22.34 -2.96
CA LEU B 301 -9.24 23.17 -3.90
C LEU B 301 -7.77 23.26 -3.49
N ILE B 302 -7.52 23.51 -2.21
CA ILE B 302 -6.17 23.64 -1.70
C ILE B 302 -5.42 22.32 -1.83
N GLU B 303 -6.05 21.21 -1.41
CA GLU B 303 -5.41 19.91 -1.51
C GLU B 303 -4.91 19.66 -2.92
N ILE B 304 -5.80 19.78 -3.90
CA ILE B 304 -5.43 19.47 -5.28
C ILE B 304 -4.39 20.47 -5.80
N ILE B 305 -4.63 21.77 -5.63
CA ILE B 305 -3.79 22.77 -6.27
C ILE B 305 -2.39 22.78 -5.69
N CYS B 306 -2.27 22.61 -4.36
CA CYS B 306 -0.96 22.62 -3.73
C CYS B 306 -0.23 21.29 -3.88
N SER B 307 -0.94 20.18 -4.04
CA SER B 307 -0.24 18.90 -4.07
C SER B 307 0.20 18.47 -5.48
N ARG B 308 -0.35 19.06 -6.54
CA ARG B 308 -0.08 18.58 -7.89
C ARG B 308 1.17 19.25 -8.49
N THR B 309 1.86 18.50 -9.35
CA THR B 309 3.10 18.96 -9.95
C THR B 309 2.83 19.72 -11.25
N ASN B 310 3.91 20.25 -11.82
CA ASN B 310 3.82 21.05 -13.06
C ASN B 310 3.08 20.28 -14.15
N GLN B 311 3.56 19.08 -14.48
CA GLN B 311 2.97 18.30 -15.56
C GLN B 311 1.51 17.98 -15.26
N GLU B 312 1.22 17.53 -14.04
CA GLU B 312 -0.15 17.24 -13.64
C GLU B 312 -1.04 18.47 -13.80
N LEU B 313 -0.54 19.64 -13.40
CA LEU B 313 -1.36 20.84 -13.45
C LEU B 313 -1.58 21.32 -14.88
N GLN B 314 -0.58 21.19 -15.74
CA GLN B 314 -0.77 21.58 -17.14
C GLN B 314 -1.79 20.67 -17.82
N GLU B 315 -1.69 19.36 -17.57
CA GLU B 315 -2.70 18.45 -18.09
C GLU B 315 -4.08 18.78 -17.53
N ILE B 316 -4.15 19.17 -16.26
CA ILE B 316 -5.43 19.55 -15.66
C ILE B 316 -6.01 20.78 -16.34
N ASN B 317 -5.16 21.78 -16.61
CA ASN B 317 -5.65 22.99 -17.27
C ASN B 317 -6.26 22.66 -18.64
N ARG B 318 -5.49 21.93 -19.46
CA ARG B 318 -6.00 21.53 -20.78
C ARG B 318 -7.33 20.79 -20.66
N VAL B 319 -7.35 19.73 -19.82
CA VAL B 319 -8.53 18.87 -19.74
C VAL B 319 -9.71 19.60 -19.13
N TYR B 320 -9.44 20.51 -18.18
CA TYR B 320 -10.50 21.30 -17.56
C TYR B 320 -11.20 22.16 -18.59
N LYS B 321 -10.43 22.85 -19.43
CA LYS B 321 -11.09 23.67 -20.44
C LYS B 321 -11.81 22.82 -21.47
N GLU B 322 -11.26 21.64 -21.77
CA GLU B 322 -11.98 20.72 -22.65
C GLU B 322 -13.34 20.35 -22.07
N MET B 323 -13.37 20.02 -20.77
CA MET B 323 -14.57 19.45 -20.16
C MET B 323 -15.61 20.50 -19.84
N TYR B 324 -15.19 21.71 -19.45
CA TYR B 324 -16.10 22.70 -18.92
C TYR B 324 -16.17 23.98 -19.73
N LYS B 325 -15.42 24.06 -20.84
CA LYS B 325 -15.50 25.18 -21.79
C LYS B 325 -15.14 26.52 -21.13
N THR B 326 -14.33 26.46 -20.07
CA THR B 326 -13.79 27.65 -19.44
C THR B 326 -12.45 27.29 -18.80
N ASP B 327 -11.65 28.31 -18.56
CA ASP B 327 -10.35 28.09 -17.94
C ASP B 327 -10.50 27.84 -16.45
N LEU B 328 -9.72 26.89 -15.93
CA LEU B 328 -9.66 26.67 -14.49
C LEU B 328 -9.29 27.96 -13.77
N GLU B 329 -8.35 28.72 -14.32
CA GLU B 329 -7.93 29.97 -13.68
C GLU B 329 -9.10 30.93 -13.55
N LYS B 330 -9.96 31.00 -14.58
CA LYS B 330 -11.10 31.91 -14.50
C LYS B 330 -12.10 31.46 -13.45
N ASP B 331 -12.29 30.15 -13.29
CA ASP B 331 -13.17 29.65 -12.23
C ASP B 331 -12.59 29.98 -10.86
N ILE B 332 -11.28 29.79 -10.68
CA ILE B 332 -10.64 30.15 -9.40
C ILE B 332 -10.83 31.64 -9.12
N ILE B 333 -10.58 32.48 -10.13
CA ILE B 333 -10.71 33.92 -9.95
C ILE B 333 -12.14 34.28 -9.57
N SER B 334 -13.10 33.66 -10.25
CA SER B 334 -14.52 33.94 -9.97
C SER B 334 -14.93 33.43 -8.59
N ASP B 335 -14.31 32.37 -8.11
CA ASP B 335 -14.76 31.79 -6.82
C ASP B 335 -14.00 32.31 -5.61
N THR B 336 -12.83 32.90 -5.81
CA THR B 336 -12.01 33.28 -4.63
C THR B 336 -11.64 34.76 -4.69
N SER B 337 -11.00 35.26 -3.64
CA SER B 337 -10.61 36.66 -3.59
C SER B 337 -9.37 36.82 -2.73
N GLY B 338 -8.72 37.97 -2.90
CA GLY B 338 -7.61 38.37 -2.06
C GLY B 338 -6.32 37.60 -2.32
N ASP B 339 -5.51 37.54 -1.27
CA ASP B 339 -4.23 36.85 -1.34
C ASP B 339 -4.42 35.35 -1.52
N PHE B 340 -5.49 34.79 -0.98
CA PHE B 340 -5.81 33.39 -1.24
C PHE B 340 -5.99 33.15 -2.73
N ARG B 341 -6.73 34.03 -3.39
CA ARG B 341 -6.87 33.96 -4.84
C ARG B 341 -5.53 34.08 -5.54
N LYS B 342 -4.71 35.06 -5.13
CA LYS B 342 -3.40 35.23 -5.75
C LYS B 342 -2.58 33.94 -5.68
N LEU B 343 -2.52 33.35 -4.48
CA LEU B 343 -1.75 32.12 -4.28
C LEU B 343 -2.30 30.97 -5.13
N MET B 344 -3.62 30.81 -5.14
CA MET B 344 -4.22 29.71 -5.89
C MET B 344 -3.97 29.87 -7.39
N VAL B 345 -4.16 31.08 -7.92
CA VAL B 345 -3.92 31.33 -9.34
C VAL B 345 -2.47 31.00 -9.70
N ALA B 346 -1.53 31.57 -8.94
CA ALA B 346 -0.12 31.34 -9.21
C ALA B 346 0.23 29.86 -9.18
N LEU B 347 -0.27 29.13 -8.18
CA LEU B 347 0.04 27.71 -8.08
C LEU B 347 -0.60 26.93 -9.23
N ALA B 348 -1.84 27.27 -9.59
CA ALA B 348 -2.55 26.55 -10.62
C ALA B 348 -1.94 26.75 -12.00
N LYS B 349 -1.14 27.80 -12.19
CA LYS B 349 -0.45 27.95 -13.47
C LYS B 349 0.47 26.76 -13.77
N GLY B 350 0.99 26.11 -12.74
CA GLY B 350 1.81 24.92 -12.94
C GLY B 350 3.10 25.18 -13.70
N ARG B 351 3.78 26.27 -13.40
CA ARG B 351 5.04 26.64 -14.04
C ARG B 351 6.09 26.96 -13.00
N ARG B 352 6.07 26.21 -11.90
CA ARG B 352 7.16 26.27 -10.95
C ARG B 352 8.46 25.86 -11.63
N ALA B 353 9.56 26.48 -11.21
CA ALA B 353 10.86 26.10 -11.72
C ALA B 353 11.09 24.60 -11.51
N GLU B 354 11.58 23.93 -12.53
CA GLU B 354 11.83 22.50 -12.40
C GLU B 354 13.12 22.25 -11.63
N ASP B 355 13.21 21.04 -11.06
CA ASP B 355 14.37 20.66 -10.26
C ASP B 355 15.59 20.86 -11.15
N GLY B 356 16.39 21.88 -10.86
CA GLY B 356 17.58 22.13 -11.64
C GLY B 356 18.71 21.23 -11.20
N SER B 357 18.64 20.70 -9.98
CA SER B 357 19.65 19.81 -9.41
C SER B 357 21.03 20.45 -9.35
N VAL B 358 21.09 21.77 -9.50
CA VAL B 358 22.30 22.54 -9.22
C VAL B 358 21.96 23.54 -8.13
N ILE B 359 22.71 23.47 -7.03
CA ILE B 359 22.32 24.14 -5.80
C ILE B 359 22.78 25.60 -5.84
N ASP B 360 21.83 26.52 -5.73
CA ASP B 360 22.09 27.96 -5.72
C ASP B 360 22.11 28.40 -4.25
N TYR B 361 23.29 28.32 -3.63
CA TYR B 361 23.41 28.64 -2.21
C TYR B 361 23.06 30.10 -1.94
N GLU B 362 23.58 31.01 -2.76
CA GLU B 362 23.27 32.43 -2.61
C GLU B 362 21.76 32.66 -2.61
N LEU B 363 21.06 32.06 -3.57
CA LEU B 363 19.62 32.24 -3.65
C LEU B 363 18.89 31.54 -2.52
N ILE B 364 19.40 30.39 -2.05
CA ILE B 364 18.82 29.76 -0.88
C ILE B 364 18.84 30.72 0.31
N ASP B 365 20.01 31.30 0.58
CA ASP B 365 20.12 32.21 1.72
C ASP B 365 19.27 33.47 1.50
N GLN B 366 19.27 34.02 0.29
CA GLN B 366 18.50 35.24 0.05
C GLN B 366 17.00 34.99 0.18
N ASP B 367 16.52 33.84 -0.31
CA ASP B 367 15.12 33.49 -0.18
C ASP B 367 14.75 33.30 1.29
N ALA B 368 15.61 32.61 2.04
CA ALA B 368 15.33 32.42 3.47
C ALA B 368 15.25 33.76 4.19
N ARG B 369 16.21 34.63 3.94
CA ARG B 369 16.21 35.94 4.59
C ARG B 369 15.02 36.78 4.17
N ASP B 370 14.61 36.66 2.91
CA ASP B 370 13.43 37.40 2.43
C ASP B 370 12.17 36.91 3.10
N LEU B 371 12.00 35.59 3.20
CA LEU B 371 10.86 35.02 3.89
C LEU B 371 10.81 35.47 5.34
N TYR B 372 11.98 35.53 6.00
CA TYR B 372 12.02 36.02 7.37
C TYR B 372 11.65 37.50 7.44
N ASP B 373 12.29 38.32 6.60
CA ASP B 373 12.05 39.76 6.59
C ASP B 373 10.60 40.08 6.27
N ALA B 374 9.94 39.27 5.44
CA ALA B 374 8.57 39.53 5.02
C ALA B 374 7.58 39.18 6.13
N GLY B 375 7.93 38.27 7.04
CA GLY B 375 6.98 37.81 8.02
C GLY B 375 7.29 38.02 9.49
N VAL B 376 8.04 37.09 10.08
CA VAL B 376 8.20 37.08 11.53
C VAL B 376 9.00 38.29 12.02
N LYS B 377 9.92 38.80 11.21
CA LYS B 377 10.76 39.93 11.64
C LYS B 377 9.98 41.23 11.76
N ARG B 378 8.88 41.38 11.02
CA ARG B 378 8.18 42.65 10.93
C ARG B 378 6.74 42.50 11.41
N LYS B 379 6.12 43.64 11.70
CA LYS B 379 4.68 43.64 11.94
C LYS B 379 3.97 43.48 10.60
N GLY B 380 2.89 42.71 10.61
CA GLY B 380 2.24 42.44 9.34
C GLY B 380 3.03 41.42 8.53
N THR B 381 2.69 41.35 7.24
CA THR B 381 3.30 40.36 6.36
C THR B 381 3.37 40.90 4.94
N ASP B 382 4.53 40.72 4.31
CA ASP B 382 4.66 40.93 2.86
C ASP B 382 4.24 39.63 2.19
N VAL B 383 2.91 39.49 2.03
CA VAL B 383 2.36 38.26 1.45
C VAL B 383 2.78 38.05 0.01
N PRO B 384 2.78 39.06 -0.87
CA PRO B 384 3.28 38.83 -2.24
C PRO B 384 4.69 38.26 -2.30
N LYS B 385 5.56 38.64 -1.36
CA LYS B 385 6.90 38.07 -1.31
C LYS B 385 6.86 36.58 -1.02
N TRP B 386 6.10 36.20 0.02
CA TRP B 386 5.90 34.78 0.33
C TRP B 386 5.38 34.02 -0.89
N ILE B 387 4.40 34.60 -1.57
CA ILE B 387 3.78 33.92 -2.71
C ILE B 387 4.79 33.73 -3.84
N SER B 388 5.51 34.80 -4.19
CA SER B 388 6.52 34.71 -5.23
C SER B 388 7.51 33.60 -4.92
N ILE B 389 8.09 33.63 -3.72
CA ILE B 389 9.13 32.65 -3.38
C ILE B 389 8.57 31.23 -3.39
N MET B 390 7.42 31.03 -2.75
CA MET B 390 6.93 29.67 -2.55
C MET B 390 6.20 29.09 -3.76
N THR B 391 5.85 29.90 -4.75
CA THR B 391 5.28 29.36 -5.98
C THR B 391 6.28 29.27 -7.12
N GLU B 392 7.34 30.09 -7.11
CA GLU B 392 8.23 30.12 -8.25
C GLU B 392 9.43 29.19 -8.12
N ARG B 393 9.99 29.07 -6.92
CA ARG B 393 11.21 28.27 -6.75
C ARG B 393 10.90 26.78 -6.84
N SER B 394 11.89 26.02 -7.30
CA SER B 394 11.77 24.58 -7.38
C SER B 394 11.61 23.96 -6.00
N VAL B 395 11.10 22.73 -5.97
CA VAL B 395 10.83 22.07 -4.68
C VAL B 395 12.11 21.76 -3.92
N PRO B 396 13.16 21.15 -4.51
CA PRO B 396 14.39 20.93 -3.73
C PRO B 396 14.99 22.22 -3.20
N HIS B 397 15.00 23.25 -4.05
CA HIS B 397 15.46 24.57 -3.61
C HIS B 397 14.69 25.02 -2.39
N LEU B 398 13.37 24.87 -2.39
CA LEU B 398 12.56 25.37 -1.28
C LEU B 398 12.74 24.54 -0.02
N GLN B 399 13.01 23.24 -0.16
CA GLN B 399 13.39 22.45 1.02
C GLN B 399 14.64 23.03 1.67
N LYS B 400 15.67 23.27 0.87
CA LYS B 400 16.87 23.91 1.41
C LYS B 400 16.57 25.30 1.95
N VAL B 401 15.65 26.03 1.32
CA VAL B 401 15.30 27.37 1.77
C VAL B 401 14.65 27.33 3.14
N PHE B 402 13.80 26.34 3.38
CA PHE B 402 13.14 26.25 4.67
C PHE B 402 14.15 25.91 5.76
N ASP B 403 15.06 24.96 5.46
CA ASP B 403 16.11 24.66 6.44
C ASP B 403 16.95 25.90 6.75
N ARG B 404 17.32 26.67 5.71
CA ARG B 404 18.11 27.88 5.96
C ARG B 404 17.29 28.94 6.68
N TYR B 405 16.01 29.09 6.33
CA TYR B 405 15.11 30.02 6.99
C TYR B 405 15.13 29.81 8.49
N LYS B 406 15.15 28.55 8.92
CA LYS B 406 15.25 28.27 10.35
C LYS B 406 16.45 28.97 10.99
N SER B 407 17.57 29.07 10.25
CA SER B 407 18.77 29.70 10.81
C SER B 407 18.51 31.15 11.20
N TYR B 408 17.61 31.83 10.50
CA TYR B 408 17.26 33.21 10.79
C TYR B 408 16.14 33.33 11.81
N SER B 409 15.19 32.39 11.79
CA SER B 409 13.95 32.54 12.54
C SER B 409 13.88 31.55 13.71
N PRO B 410 13.33 31.97 14.84
CA PRO B 410 13.13 31.02 15.95
C PRO B 410 11.98 30.06 15.70
N TYR B 411 11.16 30.30 14.68
CA TYR B 411 10.05 29.43 14.32
C TYR B 411 10.28 28.91 12.91
N ASP B 412 10.02 27.63 12.69
CA ASP B 412 10.15 27.07 11.35
C ASP B 412 9.04 27.64 10.46
N MET B 413 9.03 27.23 9.19
CA MET B 413 8.14 27.85 8.23
C MET B 413 6.67 27.65 8.59
N LEU B 414 6.32 26.46 9.07
CA LEU B 414 4.92 26.16 9.38
C LEU B 414 4.41 26.99 10.55
N GLU B 415 5.18 27.03 11.65
CA GLU B 415 4.80 27.86 12.80
C GLU B 415 4.82 29.35 12.45
N SER B 416 5.74 29.76 11.58
CA SER B 416 5.74 31.14 11.10
C SER B 416 4.45 31.45 10.36
N ILE B 417 3.99 30.52 9.53
CA ILE B 417 2.73 30.71 8.81
C ILE B 417 1.57 30.82 9.79
N ARG B 418 1.54 29.94 10.80
CA ARG B 418 0.49 30.01 11.80
C ARG B 418 0.51 31.34 12.55
N LYS B 419 1.69 31.88 12.82
CA LYS B 419 1.78 33.14 13.56
C LYS B 419 1.46 34.34 12.68
N GLU B 420 1.66 34.25 11.37
CA GLU B 420 1.59 35.42 10.51
C GLU B 420 0.22 35.64 9.87
N VAL B 421 -0.41 34.58 9.36
CA VAL B 421 -1.62 34.71 8.56
C VAL B 421 -2.71 33.82 9.14
N LYS B 422 -3.90 33.98 8.61
CA LYS B 422 -5.06 33.22 9.12
C LYS B 422 -6.01 32.89 7.96
N GLY B 423 -7.03 32.12 8.27
CA GLY B 423 -8.06 31.76 7.31
C GLY B 423 -7.58 30.85 6.18
N ASP B 424 -8.19 31.04 5.01
CA ASP B 424 -7.87 30.20 3.86
C ASP B 424 -6.44 30.41 3.37
N LEU B 425 -5.92 31.64 3.48
CA LEU B 425 -4.54 31.88 3.10
C LEU B 425 -3.57 31.09 3.97
N GLU B 426 -3.81 31.10 5.29
CA GLU B 426 -2.99 30.30 6.20
C GLU B 426 -3.10 28.81 5.88
N ASN B 427 -4.33 28.33 5.68
CA ASN B 427 -4.51 26.93 5.32
C ASN B 427 -3.74 26.58 4.05
N ALA B 428 -3.81 27.45 3.04
CA ALA B 428 -3.14 27.18 1.77
C ALA B 428 -1.62 27.13 1.95
N PHE B 429 -1.07 28.11 2.69
CA PHE B 429 0.37 28.11 2.91
C PHE B 429 0.82 26.87 3.69
N LEU B 430 0.05 26.50 4.72
CA LEU B 430 0.41 25.32 5.50
C LEU B 430 0.42 24.06 4.63
N ASN B 431 -0.65 23.86 3.85
CA ASN B 431 -0.71 22.70 2.98
C ASN B 431 0.44 22.71 1.95
N LEU B 432 0.76 23.89 1.41
CA LEU B 432 1.78 23.98 0.39
C LEU B 432 3.16 23.63 0.95
N VAL B 433 3.49 24.17 2.13
CA VAL B 433 4.77 23.87 2.74
C VAL B 433 4.84 22.38 3.10
N GLN B 434 3.71 21.81 3.52
CA GLN B 434 3.70 20.38 3.83
C GLN B 434 4.00 19.54 2.59
N CYS B 435 3.40 19.92 1.45
CA CYS B 435 3.64 19.17 0.21
C CYS B 435 5.06 19.38 -0.29
N ILE B 436 5.66 20.54 -0.01
CA ILE B 436 7.05 20.76 -0.40
C ILE B 436 7.98 19.91 0.46
N GLN B 437 7.68 19.82 1.77
CA GLN B 437 8.58 19.12 2.68
C GLN B 437 8.43 17.60 2.61
N ASN B 438 7.20 17.10 2.64
CA ASN B 438 6.96 15.65 2.71
C ASN B 438 5.50 15.42 2.29
N LYS B 439 5.28 15.29 0.97
CA LYS B 439 3.95 15.12 0.41
C LYS B 439 3.28 13.81 0.83
N PRO B 440 4.00 12.68 0.86
CA PRO B 440 3.38 11.46 1.40
C PRO B 440 2.85 11.62 2.82
N LEU B 441 3.61 12.30 3.68
CA LEU B 441 3.14 12.54 5.04
C LEU B 441 1.93 13.48 5.04
N TYR B 442 1.93 14.45 4.12
CA TYR B 442 0.76 15.32 3.98
C TYR B 442 -0.49 14.50 3.71
N PHE B 443 -0.41 13.56 2.77
CA PHE B 443 -1.59 12.78 2.44
C PHE B 443 -1.94 11.80 3.55
N ALA B 444 -0.93 11.28 4.26
CA ALA B 444 -1.19 10.42 5.41
C ALA B 444 -1.97 11.17 6.49
N ASP B 445 -1.57 12.43 6.76
CA ASP B 445 -2.30 13.25 7.72
C ASP B 445 -3.72 13.52 7.27
N ARG B 446 -3.90 13.84 5.98
CA ARG B 446 -5.25 14.09 5.47
C ARG B 446 -6.13 12.85 5.60
N LEU B 447 -5.59 11.67 5.30
CA LEU B 447 -6.35 10.43 5.44
C LEU B 447 -6.73 10.18 6.89
N TYR B 448 -5.77 10.35 7.80
CA TYR B 448 -6.05 10.20 9.22
C TYR B 448 -7.17 11.15 9.67
N ASP B 449 -7.11 12.40 9.21
CA ASP B 449 -8.16 13.35 9.56
C ASP B 449 -9.51 12.94 8.98
N SER B 450 -9.50 12.40 7.76
CA SER B 450 -10.73 11.96 7.13
C SER B 450 -11.36 10.79 7.86
N MET B 451 -10.58 10.02 8.62
CA MET B 451 -11.16 8.86 9.28
C MET B 451 -11.26 8.92 10.81
N LYS B 452 -10.53 9.82 11.46
CA LYS B 452 -10.28 9.66 12.90
C LYS B 452 -11.55 9.82 13.73
N GLY B 453 -12.43 10.73 13.35
CA GLY B 453 -13.58 11.05 14.14
C GLY B 453 -14.80 10.22 13.76
N LYS B 454 -15.96 10.74 14.10
CA LYS B 454 -17.18 9.99 13.86
C LYS B 454 -17.54 10.05 12.38
N GLY B 455 -18.07 8.94 11.87
CA GLY B 455 -18.26 8.86 10.45
C GLY B 455 -16.97 9.01 9.67
N THR B 456 -17.08 9.42 8.43
CA THR B 456 -15.96 9.48 7.52
C THR B 456 -16.12 10.70 6.62
N ARG B 457 -15.02 11.40 6.36
CA ARG B 457 -15.02 12.44 5.32
C ARG B 457 -14.74 11.72 4.00
N ASP B 458 -15.78 11.02 3.52
CA ASP B 458 -15.61 10.09 2.40
C ASP B 458 -15.11 10.78 1.15
N LYS B 459 -15.47 12.05 0.94
CA LYS B 459 -14.99 12.75 -0.24
C LYS B 459 -13.45 12.81 -0.25
N VAL B 460 -12.86 13.17 0.89
CA VAL B 460 -11.41 13.29 0.98
C VAL B 460 -10.75 11.92 0.89
N LEU B 461 -11.26 10.94 1.66
CA LEU B 461 -10.68 9.61 1.65
C LEU B 461 -10.70 9.01 0.26
N ILE B 462 -11.85 9.09 -0.42
CA ILE B 462 -11.98 8.55 -1.77
C ILE B 462 -11.05 9.28 -2.72
N ARG B 463 -11.04 10.62 -2.68
CA ARG B 463 -10.20 11.36 -3.62
C ARG B 463 -8.74 10.99 -3.46
N ILE B 464 -8.28 10.88 -2.22
CA ILE B 464 -6.86 10.59 -1.99
C ILE B 464 -6.53 9.17 -2.42
N MET B 465 -7.37 8.19 -2.04
CA MET B 465 -7.09 6.81 -2.43
C MET B 465 -7.10 6.65 -3.94
N VAL B 466 -8.01 7.33 -4.63
CA VAL B 466 -8.09 7.21 -6.09
C VAL B 466 -6.90 7.89 -6.74
N SER B 467 -6.57 9.10 -6.29
CA SER B 467 -5.59 9.92 -6.98
C SER B 467 -4.16 9.54 -6.66
N ARG B 468 -3.90 8.86 -5.53
CA ARG B 468 -2.54 8.55 -5.12
C ARG B 468 -2.24 7.06 -5.15
N SER B 469 -3.22 6.22 -5.49
CA SER B 469 -2.98 4.77 -5.53
C SER B 469 -1.85 4.40 -6.48
N GLU B 470 -1.72 5.15 -7.58
CA GLU B 470 -0.71 4.87 -8.60
C GLU B 470 0.47 5.83 -8.53
N VAL B 471 0.53 6.69 -7.52
CA VAL B 471 1.56 7.74 -7.46
C VAL B 471 2.56 7.45 -6.35
N ASP B 472 2.12 7.59 -5.09
CA ASP B 472 3.04 7.42 -3.96
C ASP B 472 2.38 6.70 -2.79
N MET B 473 1.50 5.73 -3.06
CA MET B 473 0.75 5.08 -2.01
C MET B 473 1.66 4.31 -1.05
N LEU B 474 2.77 3.76 -1.55
CA LEU B 474 3.70 3.06 -0.68
C LEU B 474 4.29 4.02 0.36
N LYS B 475 4.68 5.22 -0.08
CA LYS B 475 5.26 6.19 0.85
C LYS B 475 4.20 6.76 1.79
N ILE B 476 2.98 6.97 1.29
CA ILE B 476 1.88 7.39 2.15
C ILE B 476 1.66 6.35 3.25
N ARG B 477 1.66 5.07 2.88
CA ARG B 477 1.46 4.01 3.85
C ARG B 477 2.60 3.97 4.86
N SER B 478 3.84 4.15 4.40
CA SER B 478 4.97 4.13 5.31
C SER B 478 4.88 5.26 6.34
N GLU B 479 4.60 6.49 5.87
CA GLU B 479 4.47 7.62 6.79
C GLU B 479 3.29 7.43 7.73
N PHE B 480 2.16 6.93 7.22
CA PHE B 480 1.00 6.70 8.06
C PHE B 480 1.30 5.71 9.17
N LYS B 481 1.88 4.56 8.83
CA LYS B 481 2.22 3.56 9.84
C LYS B 481 3.23 4.10 10.83
N ARG B 482 4.21 4.87 10.35
CA ARG B 482 5.23 5.41 11.25
C ARG B 482 4.61 6.38 12.26
N LYS B 483 3.70 7.24 11.81
CA LYS B 483 3.15 8.27 12.70
C LYS B 483 2.03 7.75 13.59
N TYR B 484 1.14 6.92 13.07
CA TYR B 484 -0.07 6.56 13.78
C TYR B 484 -0.03 5.17 14.39
N GLY B 485 1.01 4.38 14.11
CA GLY B 485 1.22 3.13 14.80
C GLY B 485 0.45 1.94 14.27
N LYS B 486 -0.57 2.18 13.44
CA LYS B 486 -1.24 1.11 12.73
C LYS B 486 -1.34 1.51 11.26
N SER B 487 -1.64 0.52 10.42
CA SER B 487 -1.58 0.75 8.98
C SER B 487 -2.76 1.59 8.50
N LEU B 488 -2.57 2.23 7.34
CA LEU B 488 -3.67 2.86 6.64
C LEU B 488 -4.76 1.84 6.32
N TYR B 489 -4.35 0.64 5.89
CA TYR B 489 -5.26 -0.48 5.70
C TYR B 489 -6.19 -0.65 6.90
N TYR B 490 -5.63 -0.59 8.10
CA TYR B 490 -6.40 -0.85 9.31
C TYR B 490 -7.46 0.23 9.53
N TYR B 491 -7.08 1.50 9.35
CA TYR B 491 -8.04 2.58 9.55
C TYR B 491 -9.15 2.53 8.51
N ILE B 492 -8.80 2.20 7.26
CA ILE B 492 -9.85 2.02 6.25
C ILE B 492 -10.78 0.89 6.65
N GLN B 493 -10.22 -0.21 7.15
CA GLN B 493 -11.03 -1.34 7.60
C GLN B 493 -12.02 -0.91 8.68
N GLN B 494 -11.56 -0.07 9.61
CA GLN B 494 -12.44 0.31 10.70
C GLN B 494 -13.50 1.32 10.28
N ASP B 495 -13.21 2.17 9.29
CA ASP B 495 -14.14 3.26 8.99
C ASP B 495 -15.14 2.94 7.89
N THR B 496 -14.87 1.95 7.05
CA THR B 496 -15.74 1.65 5.91
C THR B 496 -16.07 0.16 5.90
N LYS B 497 -17.13 -0.20 5.18
CA LYS B 497 -17.59 -1.57 5.13
C LYS B 497 -17.98 -1.93 3.70
N GLY B 498 -18.19 -3.22 3.47
CA GLY B 498 -18.69 -3.74 2.22
C GLY B 498 -17.74 -3.62 1.03
N ASP B 499 -18.36 -3.65 -0.16
CA ASP B 499 -17.61 -3.54 -1.41
C ASP B 499 -16.85 -2.22 -1.49
N TYR B 500 -17.41 -1.16 -0.90
CA TYR B 500 -16.71 0.12 -0.82
C TYR B 500 -15.40 -0.03 -0.06
N GLN B 501 -15.46 -0.66 1.12
CA GLN B 501 -14.25 -0.92 1.89
C GLN B 501 -13.25 -1.74 1.09
N LYS B 502 -13.72 -2.79 0.41
CA LYS B 502 -12.81 -3.66 -0.33
C LYS B 502 -12.14 -2.90 -1.47
N ALA B 503 -12.88 -2.01 -2.14
CA ALA B 503 -12.29 -1.18 -3.19
C ALA B 503 -11.20 -0.28 -2.63
N LEU B 504 -11.48 0.38 -1.50
CA LEU B 504 -10.45 1.23 -0.88
C LEU B 504 -9.24 0.41 -0.44
N LEU B 505 -9.47 -0.81 0.02
CA LEU B 505 -8.37 -1.66 0.47
C LEU B 505 -7.49 -2.09 -0.70
N TYR B 506 -8.11 -2.42 -1.83
CA TYR B 506 -7.34 -2.73 -3.04
C TYR B 506 -6.56 -1.50 -3.50
N LEU B 507 -7.15 -0.31 -3.40
CA LEU B 507 -6.42 0.91 -3.76
C LEU B 507 -5.26 1.19 -2.82
N CYS B 508 -5.40 0.85 -1.54
CA CYS B 508 -4.28 0.92 -0.61
C CYS B 508 -3.20 -0.07 -1.00
N GLY B 509 -3.60 -1.27 -1.40
CA GLY B 509 -2.71 -2.25 -1.98
C GLY B 509 -2.24 -3.33 -1.01
N GLY B 510 -2.20 -3.04 0.28
CA GLY B 510 -1.73 -4.04 1.22
C GLY B 510 -1.77 -3.50 2.64
N ASP B 511 -1.76 -4.43 3.58
CA ASP B 511 -1.67 -4.07 4.99
C ASP B 511 -0.24 -3.64 5.34
N ASP B 512 -0.14 -2.67 6.23
CA ASP B 512 1.12 -1.98 6.57
C ASP B 512 1.66 -1.26 5.35
#